data_7V8Z
#
_entry.id   7V8Z
#
_cell.length_a   77.643
_cell.length_b   77.643
_cell.length_c   159.219
_cell.angle_alpha   90.000
_cell.angle_beta   90.000
_cell.angle_gamma   120.000
#
_symmetry.space_group_name_H-M   'P 65'
#
loop_
_entity.id
_entity.type
_entity.pdbx_description
1 polymer Cryptochrome-2
2 non-polymer 1-[(2R)-3-[3,6-bis(fluoranyl)carbazol-9-yl]-2-oxidanyl-propyl]imidazolidin-2-one
3 water water
#
_entity_poly.entity_id   1
_entity_poly.type   'polypeptide(L)'
_entity_poly.pdbx_seq_one_letter_code
;GTMAAAAVVAATVPAQSMGADGASSVHWFRKGLRLHDNPALLAAVRGARCVRCVYILDPWFAASSSVGINRWRFLLQSLE
DLDTSLRKLNSRLFVVRGQPADVFPRLFKEWGVTRLTFEYDSEPFGKERDAAIMKMAKEAGVEVVTENSHTLYDLDRIIE
LNGQKPPLTYKRFQALISRMELPKKPAVAVSSQQMESCRAEIQENHDDTYGVPSLEELGFPTEGLGPAVWQGGETEALAR
LDKHLERKAWVANYERPRMNANSLLASPTGLSPYLRFGCLSCRLFYYRLWDLYKKVKRNSTPPLSLFGQLLWREFFYTAA
TNNPRFDRMEGNPICIQIPWDRNPEALAKWAEGKTGFPWIDAIMTQLRQEGWIHHLARHAVACFLTRGDLWVSWESGVRV
FDELLLDADFSVNAGSWMWLSCSAFFQQFFHCYCPVGFGRRTDPSGDYIRRYLPKLKGFPSRYIYEPWNAPESVQKAAKC
IIGVDYPRPIVNHAETSRLNIERMKQIYQQLSRY
;
_entity_poly.pdbx_strand_id   A
#
loop_
_chem_comp.id
_chem_comp.type
_chem_comp.name
_chem_comp.formula
5YH non-polymer 1-[(2R)-3-[3,6-bis(fluoranyl)carbazol-9-yl]-2-oxidanyl-propyl]imidazolidin-2-one 'C18 H17 F2 N3 O2'
#
# COMPACT_ATOMS: atom_id res chain seq x y z
N ASP A 21 1.05 9.29 39.33
CA ASP A 21 2.46 8.98 39.15
C ASP A 21 2.82 8.92 37.68
N GLY A 22 3.86 9.68 37.31
CA GLY A 22 4.31 9.78 35.94
C GLY A 22 4.81 8.48 35.36
N ALA A 23 4.27 8.10 34.20
CA ALA A 23 4.70 6.91 33.51
C ALA A 23 6.07 7.12 32.85
N SER A 24 6.75 6.00 32.59
CA SER A 24 7.85 5.93 31.64
C SER A 24 7.30 5.16 30.44
N SER A 25 7.02 5.87 29.36
CA SER A 25 6.26 5.31 28.25
C SER A 25 7.18 5.01 27.08
N VAL A 26 6.83 3.97 26.33
CA VAL A 26 7.40 3.71 25.02
C VAL A 26 6.26 3.72 24.02
N HIS A 27 6.36 4.57 23.00
CA HIS A 27 5.45 4.51 21.87
C HIS A 27 6.13 3.74 20.76
N TRP A 28 5.48 2.69 20.29
CA TRP A 28 6.04 1.78 19.32
C TRP A 28 5.45 2.11 17.94
N PHE A 29 6.29 2.61 17.05
CA PHE A 29 5.92 2.86 15.66
C PHE A 29 6.06 1.58 14.83
N ARG A 30 5.05 1.30 14.01
CA ARG A 30 5.12 0.20 13.05
C ARG A 30 4.56 0.73 11.74
N LYS A 31 3.24 0.87 11.68
CA LYS A 31 2.68 1.87 10.80
C LYS A 31 2.40 3.10 11.65
N GLY A 32 1.43 3.93 11.27
CA GLY A 32 1.20 5.15 12.03
C GLY A 32 2.45 5.98 12.18
N LEU A 33 3.25 6.07 11.11
CA LEU A 33 4.55 6.75 11.14
C LEU A 33 4.33 8.26 11.02
N ARG A 34 3.83 8.84 12.10
CA ARG A 34 3.43 10.24 12.10
C ARG A 34 3.24 10.68 13.55
N LEU A 35 3.33 11.99 13.76
CA LEU A 35 2.92 12.56 15.03
C LEU A 35 1.49 13.09 15.04
N HIS A 36 0.94 13.49 13.89
CA HIS A 36 -0.44 13.96 13.92
C HIS A 36 -1.40 12.78 14.01
N ASP A 37 -2.62 13.06 14.47
CA ASP A 37 -3.66 12.07 14.74
C ASP A 37 -3.04 10.77 15.22
N ASN A 38 -2.38 10.81 16.36
CA ASN A 38 -1.72 9.64 16.92
C ASN A 38 -2.24 9.48 18.33
N PRO A 39 -3.46 8.96 18.50
CA PRO A 39 -4.00 8.82 19.85
C PRO A 39 -3.16 7.90 20.71
N ALA A 40 -2.48 6.92 20.11
CA ALA A 40 -1.62 6.08 20.94
C ALA A 40 -0.47 6.88 21.52
N LEU A 41 0.12 7.78 20.72
CA LEU A 41 1.20 8.62 21.22
C LEU A 41 0.69 9.61 22.25
N LEU A 42 -0.53 10.14 22.05
CA LEU A 42 -1.16 10.95 23.09
C LEU A 42 -1.22 10.21 24.42
N ALA A 43 -1.66 8.94 24.38
CA ALA A 43 -1.76 8.15 25.60
C ALA A 43 -0.39 7.91 26.22
N ALA A 44 0.64 7.76 25.39
CA ALA A 44 2.00 7.61 25.91
C ALA A 44 2.46 8.86 26.64
N VAL A 45 2.10 10.04 26.13
CA VAL A 45 2.63 11.30 26.67
C VAL A 45 1.84 11.78 27.88
N ARG A 46 0.52 11.68 27.85
CA ARG A 46 -0.30 12.17 28.95
C ARG A 46 0.08 11.47 30.25
N GLY A 47 0.43 12.26 31.25
CA GLY A 47 0.81 11.68 32.52
C GLY A 47 2.10 10.90 32.49
N ALA A 48 3.00 11.19 31.55
CA ALA A 48 4.29 10.55 31.52
C ALA A 48 5.37 11.48 32.05
N ARG A 49 6.35 10.91 32.73
CA ARG A 49 7.56 11.63 33.05
C ARG A 49 8.67 11.36 32.06
N CYS A 50 8.53 10.33 31.24
CA CYS A 50 9.58 9.91 30.33
C CYS A 50 8.89 9.21 29.17
N VAL A 51 9.26 9.57 27.95
CA VAL A 51 8.69 8.93 26.76
C VAL A 51 9.81 8.67 25.76
N ARG A 52 9.81 7.48 25.19
CA ARG A 52 10.71 7.13 24.11
C ARG A 52 9.87 6.57 22.96
N CYS A 53 10.19 6.99 21.74
CA CYS A 53 9.57 6.45 20.55
C CYS A 53 10.51 5.45 19.89
N VAL A 54 10.02 4.24 19.64
CA VAL A 54 10.83 3.18 19.08
C VAL A 54 10.20 2.66 17.78
N TYR A 55 11.05 2.37 16.83
CA TYR A 55 10.76 1.49 15.70
C TYR A 55 11.63 0.26 15.86
N ILE A 56 11.03 -0.92 15.74
CA ILE A 56 11.80 -2.15 15.92
C ILE A 56 12.08 -2.76 14.56
N LEU A 57 13.35 -2.79 14.19
CA LEU A 57 13.78 -3.25 12.88
C LEU A 57 14.33 -4.66 13.02
N ASP A 58 13.62 -5.63 12.47
CA ASP A 58 14.07 -7.01 12.55
C ASP A 58 15.28 -7.17 11.65
N PRO A 59 16.48 -7.43 12.19
CA PRO A 59 17.67 -7.46 11.32
C PRO A 59 17.67 -8.61 10.35
N TRP A 60 16.79 -9.60 10.51
CA TRP A 60 16.73 -10.72 9.60
C TRP A 60 15.45 -10.71 8.77
N PHE A 61 14.68 -9.63 8.87
CA PHE A 61 13.50 -9.46 8.02
C PHE A 61 13.84 -9.68 6.56
N ALA A 62 14.88 -9.02 6.07
CA ALA A 62 15.22 -9.11 4.65
C ALA A 62 15.61 -10.52 4.24
N ALA A 63 16.05 -11.36 5.19
CA ALA A 63 16.42 -12.73 4.84
C ALA A 63 15.20 -13.52 4.37
N SER A 64 14.02 -13.18 4.86
CA SER A 64 12.76 -13.82 4.53
C SER A 64 11.97 -13.05 3.49
N SER A 65 12.51 -11.94 3.01
CA SER A 65 11.76 -10.96 2.25
C SER A 65 12.53 -10.58 0.99
N SER A 66 11.81 -10.15 -0.04
CA SER A 66 12.44 -9.69 -1.27
C SER A 66 11.94 -8.30 -1.63
N VAL A 67 11.74 -7.46 -0.61
CA VAL A 67 11.16 -6.13 -0.83
C VAL A 67 12.20 -5.22 -1.47
N GLY A 68 11.75 -4.44 -2.46
CA GLY A 68 12.64 -3.70 -3.33
C GLY A 68 13.06 -2.35 -2.78
N ILE A 69 13.86 -1.64 -3.57
CA ILE A 69 14.49 -0.41 -3.11
C ILE A 69 13.44 0.68 -2.82
N ASN A 70 12.38 0.75 -3.62
CA ASN A 70 11.47 1.88 -3.46
C ASN A 70 10.72 1.80 -2.14
N ARG A 71 10.33 0.59 -1.72
CA ARG A 71 9.69 0.48 -0.41
C ARG A 71 10.68 0.75 0.72
N TRP A 72 11.90 0.24 0.60
CA TRP A 72 12.89 0.49 1.66
C TRP A 72 13.21 1.97 1.77
N ARG A 73 13.41 2.65 0.64
CA ARG A 73 13.68 4.09 0.69
C ARG A 73 12.53 4.83 1.35
N PHE A 74 11.30 4.48 1.00
CA PHE A 74 10.16 5.16 1.59
C PHE A 74 10.09 4.93 3.09
N LEU A 75 10.30 3.69 3.54
CA LEU A 75 10.32 3.44 4.98
C LEU A 75 11.43 4.24 5.67
N LEU A 76 12.64 4.17 5.14
CA LEU A 76 13.75 4.84 5.81
C LEU A 76 13.56 6.35 5.83
N GLN A 77 13.04 6.93 4.74
CA GLN A 77 12.75 8.36 4.73
C GLN A 77 11.62 8.72 5.68
N SER A 78 10.65 7.81 5.87
CA SER A 78 9.61 8.05 6.87
C SER A 78 10.18 8.01 8.28
N LEU A 79 11.06 7.05 8.56
CA LEU A 79 11.71 7.03 9.86
C LEU A 79 12.61 8.25 10.06
N GLU A 80 13.33 8.66 9.02
CA GLU A 80 14.16 9.86 9.17
C GLU A 80 13.30 11.10 9.43
N ASP A 81 12.09 11.13 8.86
CA ASP A 81 11.22 12.29 9.10
C ASP A 81 10.74 12.31 10.55
N LEU A 82 10.40 11.14 11.11
CA LEU A 82 10.04 11.07 12.52
C LEU A 82 11.22 11.47 13.41
N ASP A 83 12.44 11.04 13.05
CA ASP A 83 13.60 11.39 13.85
C ASP A 83 13.88 12.89 13.79
N THR A 84 13.71 13.50 12.62
CA THR A 84 13.87 14.94 12.49
C THR A 84 12.83 15.69 13.31
N SER A 85 11.58 15.22 13.30
CA SER A 85 10.56 15.84 14.12
C SER A 85 10.88 15.69 15.60
N LEU A 86 11.38 14.51 16.00
CA LEU A 86 11.73 14.32 17.40
C LEU A 86 12.95 15.15 17.79
N ARG A 87 13.88 15.36 16.86
CA ARG A 87 15.04 16.22 17.16
C ARG A 87 14.62 17.65 17.43
N LYS A 88 13.54 18.12 16.81
CA LYS A 88 13.01 19.45 17.12
C LYS A 88 12.61 19.56 18.58
N LEU A 89 12.20 18.45 19.19
CA LEU A 89 11.90 18.38 20.62
C LEU A 89 13.09 17.87 21.43
N ASN A 90 14.31 18.04 20.91
CA ASN A 90 15.54 17.62 21.58
C ASN A 90 15.52 16.13 21.92
N SER A 91 14.87 15.32 21.10
CA SER A 91 14.77 13.88 21.33
C SER A 91 15.24 13.17 20.06
N ARG A 92 14.98 11.87 19.98
CA ARG A 92 15.39 11.04 18.84
C ARG A 92 14.41 9.88 18.71
N LEU A 93 14.28 9.38 17.50
CA LEU A 93 13.71 8.06 17.29
C LEU A 93 14.74 7.00 17.70
N PHE A 94 14.27 5.97 18.41
CA PHE A 94 15.10 4.82 18.75
C PHE A 94 14.81 3.71 17.75
N VAL A 95 15.75 3.44 16.86
CA VAL A 95 15.62 2.32 15.92
C VAL A 95 16.27 1.12 16.57
N VAL A 96 15.46 0.29 17.22
CA VAL A 96 15.94 -0.85 17.99
C VAL A 96 16.00 -2.06 17.07
N ARG A 97 17.17 -2.69 16.99
CA ARG A 97 17.31 -3.88 16.17
C ARG A 97 16.94 -5.12 16.97
N GLY A 98 16.03 -5.90 16.43
CA GLY A 98 15.71 -7.18 17.02
C GLY A 98 14.28 -7.56 16.69
N GLN A 99 13.84 -8.65 17.30
CA GLN A 99 12.45 -9.00 17.15
C GLN A 99 11.69 -8.55 18.38
N PRO A 100 10.48 -8.04 18.17
CA PRO A 100 9.72 -7.44 19.29
C PRO A 100 9.63 -8.34 20.51
N ALA A 101 9.36 -9.63 20.32
CA ALA A 101 9.22 -10.52 21.47
C ALA A 101 10.53 -10.65 22.25
N ASP A 102 11.67 -10.46 21.59
CA ASP A 102 12.96 -10.51 22.26
C ASP A 102 13.36 -9.18 22.89
N VAL A 103 13.12 -8.07 22.19
CA VAL A 103 13.68 -6.82 22.69
C VAL A 103 12.80 -6.20 23.77
N PHE A 104 11.47 -6.36 23.71
CA PHE A 104 10.64 -5.67 24.68
C PHE A 104 10.90 -6.07 26.13
N PRO A 105 11.13 -7.34 26.48
CA PRO A 105 11.47 -7.63 27.88
C PRO A 105 12.75 -6.93 28.34
N ARG A 106 13.77 -6.84 27.47
CA ARG A 106 14.97 -6.11 27.85
C ARG A 106 14.69 -4.62 28.00
N LEU A 107 14.04 -4.01 27.01
CA LEU A 107 13.70 -2.60 27.07
C LEU A 107 12.91 -2.27 28.33
N PHE A 108 11.91 -3.09 28.64
CA PHE A 108 11.12 -2.89 29.85
C PHE A 108 12.01 -2.81 31.07
N LYS A 109 12.93 -3.79 31.20
CA LYS A 109 13.82 -3.84 32.35
C LYS A 109 14.84 -2.71 32.32
N GLU A 110 15.53 -2.55 31.19
CA GLU A 110 16.62 -1.58 31.11
C GLU A 110 16.12 -0.14 31.24
N TRP A 111 14.97 0.18 30.64
CA TRP A 111 14.43 1.52 30.70
C TRP A 111 13.42 1.73 31.83
N GLY A 112 13.05 0.68 32.55
CA GLY A 112 12.04 0.85 33.59
C GLY A 112 10.70 1.28 33.04
N VAL A 113 10.29 0.69 31.92
CA VAL A 113 9.09 1.11 31.21
C VAL A 113 7.84 0.75 32.02
N THR A 114 6.92 1.70 32.15
CA THR A 114 5.65 1.40 32.81
C THR A 114 4.45 1.42 31.88
N ARG A 115 4.61 1.89 30.65
CA ARG A 115 3.49 1.98 29.71
C ARG A 115 4.03 1.79 28.31
N LEU A 116 3.33 0.99 27.51
CA LEU A 116 3.66 0.78 26.10
C LEU A 116 2.42 1.11 25.28
N THR A 117 2.56 1.93 24.26
CA THR A 117 1.44 2.27 23.40
C THR A 117 1.82 2.03 21.95
N PHE A 118 0.81 1.71 21.14
CA PHE A 118 1.03 1.55 19.71
C PHE A 118 -0.31 1.58 18.99
N GLU A 119 -0.26 1.97 17.72
CA GLU A 119 -1.44 1.91 16.90
C GLU A 119 -1.80 0.45 16.61
N TYR A 120 -3.09 0.14 16.76
CA TYR A 120 -3.60 -1.21 16.52
C TYR A 120 -3.28 -1.66 15.09
N ASP A 121 -2.94 -2.96 14.96
CA ASP A 121 -2.69 -3.64 13.69
C ASP A 121 -3.76 -4.71 13.51
N SER A 122 -4.63 -4.54 12.52
CA SER A 122 -5.72 -5.48 12.32
C SER A 122 -5.31 -6.74 11.57
N GLU A 123 -4.13 -6.74 10.96
CA GLU A 123 -3.78 -7.85 10.10
C GLU A 123 -3.46 -9.10 10.95
N PRO A 124 -3.88 -10.28 10.51
CA PRO A 124 -3.87 -11.46 11.41
C PRO A 124 -2.52 -11.74 12.04
N PHE A 125 -1.43 -11.63 11.28
CA PHE A 125 -0.11 -11.88 11.85
C PHE A 125 0.25 -10.83 12.90
N GLY A 126 -0.02 -9.55 12.60
CA GLY A 126 0.29 -8.51 13.56
C GLY A 126 -0.55 -8.60 14.82
N LYS A 127 -1.83 -8.99 14.68
CA LYS A 127 -2.68 -9.20 15.84
C LYS A 127 -2.11 -10.26 16.76
N GLU A 128 -1.58 -11.35 16.18
CA GLU A 128 -0.99 -12.40 16.98
C GLU A 128 0.31 -11.96 17.61
N ARG A 129 1.14 -11.21 16.86
CA ARG A 129 2.33 -10.60 17.44
C ARG A 129 1.94 -9.72 18.63
N ASP A 130 0.99 -8.82 18.41
CA ASP A 130 0.67 -7.83 19.44
C ASP A 130 0.03 -8.48 20.66
N ALA A 131 -0.78 -9.52 20.45
CA ALA A 131 -1.36 -10.24 21.58
C ALA A 131 -0.28 -10.87 22.45
N ALA A 132 0.77 -11.40 21.83
CA ALA A 132 1.87 -11.95 22.61
C ALA A 132 2.62 -10.86 23.36
N ILE A 133 2.83 -9.71 22.71
CA ILE A 133 3.48 -8.59 23.39
C ILE A 133 2.63 -8.12 24.56
N MET A 134 1.31 -8.07 24.37
CA MET A 134 0.43 -7.64 25.46
C MET A 134 0.46 -8.63 26.63
N LYS A 135 0.57 -9.93 26.35
CA LYS A 135 0.73 -10.87 27.45
C LYS A 135 2.04 -10.64 28.20
N MET A 136 3.14 -10.42 27.45
CA MET A 136 4.43 -10.18 28.08
C MET A 136 4.44 -8.88 28.88
N ALA A 137 3.79 -7.84 28.35
CA ALA A 137 3.69 -6.59 29.09
C ALA A 137 2.89 -6.78 30.39
N LYS A 138 1.73 -7.43 30.30
CA LYS A 138 0.93 -7.69 31.50
C LYS A 138 1.74 -8.45 32.54
N GLU A 139 2.49 -9.46 32.10
CA GLU A 139 3.34 -10.23 33.02
C GLU A 139 4.39 -9.34 33.68
N ALA A 140 4.86 -8.30 33.00
CA ALA A 140 5.91 -7.43 33.51
C ALA A 140 5.37 -6.21 34.24
N GLY A 141 4.05 -6.12 34.44
CA GLY A 141 3.46 -4.96 35.07
C GLY A 141 3.40 -3.73 34.19
N VAL A 142 3.45 -3.90 32.88
CA VAL A 142 3.47 -2.79 31.92
C VAL A 142 2.07 -2.58 31.38
N GLU A 143 1.55 -1.37 31.53
CA GLU A 143 0.26 -1.03 30.94
C GLU A 143 0.41 -0.93 29.42
N VAL A 144 -0.62 -1.34 28.69
CA VAL A 144 -0.63 -1.24 27.23
C VAL A 144 -1.84 -0.44 26.81
N VAL A 145 -1.62 0.56 25.95
CA VAL A 145 -2.69 1.28 25.31
C VAL A 145 -2.54 1.09 23.81
N THR A 146 -3.59 0.62 23.15
CA THR A 146 -3.63 0.60 21.69
C THR A 146 -4.78 1.46 21.23
N GLU A 147 -4.64 2.04 20.03
CA GLU A 147 -5.68 2.86 19.43
C GLU A 147 -5.75 2.49 17.95
N ASN A 148 -6.97 2.40 17.41
CA ASN A 148 -7.12 1.82 16.07
C ASN A 148 -7.10 2.85 14.94
N SER A 149 -6.18 3.80 14.99
CA SER A 149 -6.17 4.94 14.08
C SER A 149 -5.55 4.65 12.70
N HIS A 150 -5.26 3.39 12.35
CA HIS A 150 -4.86 3.09 10.97
C HIS A 150 -6.06 3.05 10.02
N THR A 151 -7.26 2.80 10.54
CA THR A 151 -8.45 2.70 9.72
C THR A 151 -9.47 3.72 10.20
N LEU A 152 -10.49 3.93 9.36
CA LEU A 152 -11.57 4.85 9.71
C LEU A 152 -12.40 4.29 10.85
N TYR A 153 -12.63 2.98 10.84
CA TYR A 153 -13.60 2.35 11.72
C TYR A 153 -12.95 1.31 12.62
N ASP A 154 -13.64 0.99 13.70
CA ASP A 154 -13.42 -0.25 14.44
C ASP A 154 -13.89 -1.40 13.58
N LEU A 155 -12.93 -2.08 12.94
CA LEU A 155 -13.26 -3.18 12.03
C LEU A 155 -14.02 -4.28 12.73
N ASP A 156 -13.72 -4.50 14.02
CA ASP A 156 -14.40 -5.54 14.78
C ASP A 156 -15.86 -5.20 15.01
N ARG A 157 -16.19 -3.91 15.11
CA ARG A 157 -17.60 -3.53 15.23
C ARG A 157 -18.37 -3.84 13.94
N ILE A 158 -17.77 -3.55 12.78
CA ILE A 158 -18.42 -3.88 11.50
C ILE A 158 -18.72 -5.36 11.45
N ILE A 159 -17.74 -6.19 11.80
CA ILE A 159 -17.90 -7.64 11.74
C ILE A 159 -18.95 -8.09 12.74
N GLU A 160 -18.91 -7.53 13.95
CA GLU A 160 -19.91 -7.84 14.98
C GLU A 160 -21.32 -7.55 14.47
N LEU A 161 -21.52 -6.38 13.86
CA LEU A 161 -22.86 -6.03 13.37
C LEU A 161 -23.30 -6.88 12.19
N ASN A 162 -22.37 -7.58 11.55
CA ASN A 162 -22.68 -8.44 10.42
C ASN A 162 -22.76 -9.91 10.82
N GLY A 163 -23.13 -10.20 12.07
CA GLY A 163 -23.17 -11.58 12.53
C GLY A 163 -21.82 -12.23 12.69
N GLN A 164 -20.80 -11.46 13.06
CA GLN A 164 -19.45 -11.96 13.34
C GLN A 164 -18.78 -12.55 12.10
N LYS A 165 -19.06 -11.99 10.93
CA LYS A 165 -18.37 -12.30 9.69
C LYS A 165 -18.15 -11.00 8.95
N PRO A 166 -17.09 -10.88 8.17
CA PRO A 166 -16.90 -9.66 7.39
C PRO A 166 -17.86 -9.62 6.22
N PRO A 167 -18.31 -8.43 5.82
CA PRO A 167 -19.07 -8.33 4.57
C PRO A 167 -18.18 -8.72 3.39
N LEU A 168 -18.76 -9.42 2.43
CA LEU A 168 -18.04 -9.85 1.24
C LEU A 168 -18.52 -9.14 -0.02
N THR A 169 -19.38 -8.15 0.11
CA THR A 169 -19.67 -7.31 -1.02
C THR A 169 -19.71 -5.86 -0.56
N TYR A 170 -19.35 -4.97 -1.47
CA TYR A 170 -19.13 -3.57 -1.10
C TYR A 170 -20.43 -2.90 -0.66
N LYS A 171 -21.55 -3.24 -1.31
CA LYS A 171 -22.80 -2.63 -0.89
C LYS A 171 -23.17 -3.04 0.52
N ARG A 172 -22.89 -4.28 0.90
CA ARG A 172 -23.18 -4.70 2.27
C ARG A 172 -22.29 -3.96 3.25
N PHE A 173 -21.01 -3.82 2.92
CA PHE A 173 -20.12 -3.00 3.71
C PHE A 173 -20.69 -1.60 3.91
N GLN A 174 -21.16 -0.97 2.83
CA GLN A 174 -21.71 0.38 2.93
C GLN A 174 -22.97 0.42 3.78
N ALA A 175 -23.81 -0.60 3.69
CA ALA A 175 -24.99 -0.64 4.55
C ALA A 175 -24.59 -0.72 6.01
N LEU A 176 -23.55 -1.48 6.33
CA LEU A 176 -23.16 -1.64 7.72
C LEU A 176 -22.61 -0.33 8.28
N ILE A 177 -21.67 0.31 7.59
CA ILE A 177 -21.12 1.55 8.13
C ILE A 177 -22.15 2.66 8.10
N SER A 178 -23.20 2.55 7.28
CA SER A 178 -24.22 3.59 7.24
C SER A 178 -25.07 3.59 8.50
N ARG A 179 -25.08 2.51 9.29
CA ARG A 179 -25.76 2.51 10.58
C ARG A 179 -24.77 2.46 11.74
N MET A 180 -23.54 2.88 11.50
CA MET A 180 -22.57 3.03 12.56
C MET A 180 -22.28 4.51 12.79
N GLU A 181 -21.60 4.79 13.90
CA GLU A 181 -21.11 6.14 14.12
C GLU A 181 -20.16 6.53 12.99
N LEU A 182 -19.98 7.83 12.83
CA LEU A 182 -19.02 8.31 11.85
C LEU A 182 -17.59 8.01 12.34
N PRO A 183 -16.61 7.97 11.43
CA PRO A 183 -15.22 7.77 11.88
C PRO A 183 -14.85 8.80 12.94
N LYS A 184 -14.02 8.39 13.90
CA LYS A 184 -13.53 9.34 14.88
C LYS A 184 -12.83 10.49 14.18
N LYS A 185 -12.98 11.69 14.76
CA LYS A 185 -12.20 12.82 14.29
C LYS A 185 -10.70 12.55 14.55
N PRO A 186 -9.82 13.13 13.75
CA PRO A 186 -8.39 13.01 14.07
C PRO A 186 -8.12 13.51 15.48
N ALA A 187 -7.25 12.80 16.19
CA ALA A 187 -6.90 13.19 17.54
C ALA A 187 -6.14 14.51 17.52
N VAL A 188 -6.22 15.23 18.65
CA VAL A 188 -5.53 16.51 18.75
C VAL A 188 -4.02 16.30 18.78
N ALA A 189 -3.29 17.37 18.46
CA ALA A 189 -1.84 17.27 18.37
C ALA A 189 -1.24 17.07 19.75
N VAL A 190 -0.14 16.32 19.79
CA VAL A 190 0.64 16.23 21.01
C VAL A 190 1.33 17.56 21.25
N SER A 191 1.32 18.01 22.50
CA SER A 191 1.95 19.28 22.85
C SER A 191 3.46 19.18 22.63
N SER A 192 4.00 20.11 21.83
CA SER A 192 5.44 20.18 21.64
C SER A 192 6.15 20.39 22.97
N GLN A 193 5.62 21.28 23.81
CA GLN A 193 6.20 21.54 25.12
C GLN A 193 6.14 20.30 25.99
N GLN A 194 4.96 19.67 26.07
CA GLN A 194 4.82 18.46 26.88
C GLN A 194 5.79 17.37 26.42
N MET A 195 5.99 17.24 25.10
CA MET A 195 6.83 16.17 24.61
C MET A 195 8.31 16.44 24.85
N GLU A 196 8.75 17.68 24.64
CA GLU A 196 10.14 18.00 24.97
C GLU A 196 10.39 17.90 26.46
N SER A 197 9.40 18.27 27.28
CA SER A 197 9.56 18.25 28.73
C SER A 197 9.70 16.82 29.26
N CYS A 198 8.93 15.87 28.73
CA CYS A 198 8.95 14.50 29.21
C CYS A 198 9.90 13.61 28.42
N ARG A 199 10.87 14.19 27.71
CA ARG A 199 11.73 13.38 26.86
C ARG A 199 12.71 12.57 27.69
N ALA A 200 13.15 11.45 27.13
CA ALA A 200 14.28 10.73 27.66
C ALA A 200 15.55 11.45 27.25
N GLU A 201 16.52 11.48 28.15
CA GLU A 201 17.82 12.02 27.79
C GLU A 201 18.43 11.18 26.65
N ILE A 202 18.83 11.84 25.58
CA ILE A 202 19.51 11.18 24.48
C ILE A 202 21.00 11.13 24.81
N GLN A 203 21.60 9.95 24.71
CA GLN A 203 23.05 9.83 24.87
C GLN A 203 23.74 10.29 23.59
N GLU A 204 24.94 10.86 23.76
CA GLU A 204 25.64 11.39 22.59
C GLU A 204 25.91 10.32 21.55
N ASN A 205 26.14 9.07 22.00
CA ASN A 205 26.42 7.97 21.10
C ASN A 205 25.17 7.18 20.71
N HIS A 206 24.00 7.83 20.73
CA HIS A 206 22.74 7.24 20.29
C HIS A 206 22.90 6.41 19.01
N ASP A 207 23.71 6.90 18.07
CA ASP A 207 23.79 6.28 16.75
C ASP A 207 24.67 5.03 16.69
N ASP A 208 25.34 4.67 17.79
CA ASP A 208 25.93 3.34 17.89
C ASP A 208 24.90 2.25 17.63
N THR A 209 23.67 2.47 18.11
CA THR A 209 22.68 1.42 18.29
C THR A 209 21.32 1.76 17.72
N TYR A 210 20.93 3.03 17.67
CA TYR A 210 19.54 3.41 17.49
C TYR A 210 19.33 4.31 16.28
N GLY A 211 20.33 4.43 15.40
CA GLY A 211 20.18 5.30 14.25
C GLY A 211 19.34 4.69 13.14
N VAL A 212 18.84 5.56 12.27
CA VAL A 212 18.14 5.13 11.06
C VAL A 212 19.21 4.79 10.03
N PRO A 213 19.22 3.58 9.48
CA PRO A 213 20.28 3.23 8.53
C PRO A 213 20.09 3.93 7.19
N SER A 214 21.21 4.17 6.51
CA SER A 214 21.15 4.71 5.16
C SER A 214 20.89 3.58 4.16
N LEU A 215 20.38 3.97 2.98
CA LEU A 215 20.10 2.99 1.93
C LEU A 215 21.35 2.22 1.52
N GLU A 216 22.49 2.90 1.42
CA GLU A 216 23.70 2.23 0.98
C GLU A 216 24.13 1.15 1.97
N GLU A 217 23.81 1.31 3.25
CA GLU A 217 24.08 0.28 4.24
C GLU A 217 23.29 -1.00 3.97
N LEU A 218 22.17 -0.88 3.26
CA LEU A 218 21.37 -2.03 2.90
C LEU A 218 21.76 -2.59 1.54
N GLY A 219 22.93 -2.21 1.03
CA GLY A 219 23.43 -2.77 -0.21
C GLY A 219 22.85 -2.19 -1.47
N PHE A 220 22.02 -1.15 -1.39
CA PHE A 220 21.44 -0.56 -2.57
C PHE A 220 22.41 0.42 -3.22
N PRO A 221 22.19 0.74 -4.49
CA PRO A 221 23.08 1.68 -5.19
C PRO A 221 23.10 3.06 -4.53
N THR A 222 24.18 3.78 -4.79
CA THR A 222 24.34 5.12 -4.21
C THR A 222 23.21 6.03 -4.68
N GLU A 223 22.57 6.71 -3.73
CA GLU A 223 21.47 7.62 -4.05
C GLU A 223 21.99 8.95 -4.60
N GLY A 224 21.28 9.49 -5.57
CA GLY A 224 21.57 10.82 -6.07
C GLY A 224 21.06 11.92 -5.16
N LEU A 225 21.30 13.15 -5.59
CA LEU A 225 20.82 14.31 -4.84
C LEU A 225 19.36 14.65 -5.14
N GLY A 226 18.87 14.26 -6.31
CA GLY A 226 17.53 14.61 -6.72
C GLY A 226 16.48 13.88 -5.90
N PRO A 227 15.31 14.50 -5.77
CA PRO A 227 14.25 13.91 -4.94
C PRO A 227 13.69 12.63 -5.57
N ALA A 228 13.30 11.70 -4.71
CA ALA A 228 12.58 10.53 -5.15
C ALA A 228 11.22 10.94 -5.73
N VAL A 229 10.66 10.08 -6.57
CA VAL A 229 9.31 10.34 -7.08
C VAL A 229 8.31 10.39 -5.92
N TRP A 230 8.46 9.47 -4.96
CA TRP A 230 7.59 9.40 -3.79
C TRP A 230 8.44 9.51 -2.53
N GLN A 231 8.70 10.74 -2.09
CA GLN A 231 9.50 10.95 -0.88
C GLN A 231 8.72 10.51 0.34
N GLY A 232 9.36 9.74 1.23
CA GLY A 232 8.66 9.22 2.40
C GLY A 232 8.43 10.29 3.46
N GLY A 233 7.48 10.00 4.35
CA GLY A 233 7.44 10.70 5.62
C GLY A 233 6.21 11.57 5.80
N GLU A 234 5.97 11.92 7.08
CA GLU A 234 4.80 12.69 7.47
C GLU A 234 4.83 14.10 6.91
N THR A 235 6.00 14.75 6.91
CA THR A 235 6.09 16.11 6.39
C THR A 235 5.66 16.17 4.93
N GLU A 236 6.18 15.26 4.12
CA GLU A 236 5.75 15.19 2.74
C GLU A 236 4.27 14.87 2.63
N ALA A 237 3.79 13.93 3.46
CA ALA A 237 2.38 13.54 3.40
C ALA A 237 1.46 14.72 3.61
N LEU A 238 1.77 15.58 4.59
CA LEU A 238 0.91 16.70 4.92
C LEU A 238 0.99 17.79 3.86
N ALA A 239 2.17 18.01 3.29
CA ALA A 239 2.29 18.94 2.19
C ALA A 239 1.45 18.47 1.00
N ARG A 240 1.49 17.18 0.72
CA ARG A 240 0.69 16.64 -0.37
C ARG A 240 -0.81 16.75 -0.06
N LEU A 241 -1.20 16.50 1.19
CA LEU A 241 -2.62 16.65 1.52
C LEU A 241 -3.10 18.06 1.20
N ASP A 242 -2.30 19.07 1.58
CA ASP A 242 -2.67 20.46 1.32
C ASP A 242 -2.87 20.72 -0.17
N LYS A 243 -1.93 20.28 -1.01
CA LYS A 243 -2.08 20.49 -2.45
C LYS A 243 -3.26 19.69 -3.00
N HIS A 244 -3.43 18.47 -2.52
CA HIS A 244 -4.51 17.60 -2.99
C HIS A 244 -5.86 18.26 -2.83
N LEU A 245 -6.04 19.07 -1.78
CA LEU A 245 -7.33 19.65 -1.44
C LEU A 245 -7.46 21.11 -1.87
N GLU A 246 -6.55 21.60 -2.70
CA GLU A 246 -6.74 22.92 -3.28
C GLU A 246 -7.99 22.89 -4.16
N ARG A 247 -8.78 23.97 -4.09
CA ARG A 247 -9.97 24.06 -4.92
C ARG A 247 -9.64 23.81 -6.39
N LYS A 248 -8.47 24.28 -6.83
CA LYS A 248 -8.07 24.11 -8.22
C LYS A 248 -7.87 22.65 -8.62
N ALA A 249 -7.75 21.74 -7.65
CA ALA A 249 -7.64 20.32 -7.93
C ALA A 249 -8.94 19.57 -7.69
N TRP A 250 -10.00 20.28 -7.30
CA TRP A 250 -11.25 19.63 -6.93
C TRP A 250 -11.94 19.03 -8.14
N VAL A 251 -12.09 19.83 -9.20
CA VAL A 251 -12.70 19.33 -10.43
C VAL A 251 -11.92 18.14 -10.97
N ALA A 252 -10.59 18.27 -11.02
CA ALA A 252 -9.79 17.25 -11.66
C ALA A 252 -9.76 15.95 -10.87
N ASN A 253 -9.89 16.03 -9.55
CA ASN A 253 -9.80 14.83 -8.73
C ASN A 253 -11.13 14.33 -8.20
N TYR A 254 -12.12 15.19 -8.00
CA TYR A 254 -13.36 14.75 -7.37
C TYR A 254 -14.61 15.04 -8.19
N GLU A 255 -14.70 16.21 -8.83
CA GLU A 255 -15.90 16.50 -9.60
C GLU A 255 -15.96 15.67 -10.87
N ARG A 256 -14.92 15.76 -11.71
CA ARG A 256 -14.94 15.14 -13.04
C ARG A 256 -13.58 14.53 -13.34
N PRO A 257 -13.20 13.47 -12.61
CA PRO A 257 -11.91 12.82 -12.88
C PRO A 257 -11.92 12.14 -14.24
N ARG A 258 -10.80 12.21 -14.92
CA ARG A 258 -10.62 11.60 -16.23
C ARG A 258 -9.37 10.73 -16.22
N MET A 259 -9.47 9.54 -16.80
CA MET A 259 -8.33 8.63 -16.88
C MET A 259 -7.64 8.88 -18.21
N ASN A 260 -6.74 9.86 -18.22
CA ASN A 260 -6.02 10.24 -19.42
C ASN A 260 -4.56 9.86 -19.28
N ALA A 261 -3.76 10.26 -20.28
CA ALA A 261 -2.34 9.94 -20.26
C ALA A 261 -1.66 10.50 -19.03
N ASN A 262 -1.97 11.76 -18.68
CA ASN A 262 -1.34 12.38 -17.51
C ASN A 262 -1.69 11.65 -16.22
N SER A 263 -2.85 11.00 -16.16
CA SER A 263 -3.25 10.27 -14.95
C SER A 263 -2.30 9.14 -14.61
N LEU A 264 -1.65 8.57 -15.64
CA LEU A 264 -0.77 7.43 -15.43
C LEU A 264 0.51 7.79 -14.71
N LEU A 265 0.90 9.06 -14.71
CA LEU A 265 2.15 9.50 -14.11
C LEU A 265 1.93 9.75 -12.62
N ALA A 266 2.98 9.55 -11.85
CA ALA A 266 2.90 9.78 -10.41
C ALA A 266 2.51 11.23 -10.17
N SER A 267 1.47 11.42 -9.36
CA SER A 267 0.94 12.76 -9.14
C SER A 267 1.61 13.39 -7.92
N PRO A 268 1.95 14.68 -7.96
CA PRO A 268 2.47 15.32 -6.75
C PRO A 268 1.43 15.48 -5.66
N THR A 269 0.16 15.19 -5.92
CA THR A 269 -0.87 15.23 -4.90
C THR A 269 -1.31 13.83 -4.46
N GLY A 270 -0.65 12.79 -4.94
CA GLY A 270 -1.04 11.44 -4.59
C GLY A 270 -0.75 11.13 -3.13
N LEU A 271 -1.68 10.42 -2.49
CA LEU A 271 -1.62 10.18 -1.06
C LEU A 271 -1.47 8.70 -0.70
N SER A 272 -1.62 7.79 -1.67
CA SER A 272 -1.82 6.39 -1.27
C SER A 272 -0.62 5.79 -0.54
N PRO A 273 0.65 6.06 -0.89
CA PRO A 273 1.74 5.48 -0.08
C PRO A 273 1.76 6.00 1.34
N TYR A 274 1.38 7.26 1.53
CA TYR A 274 1.42 7.87 2.86
C TYR A 274 0.33 7.28 3.74
N LEU A 275 -0.84 7.00 3.16
CA LEU A 275 -1.88 6.31 3.90
C LEU A 275 -1.46 4.90 4.27
N ARG A 276 -0.75 4.22 3.38
CA ARG A 276 -0.36 2.84 3.65
C ARG A 276 0.66 2.76 4.79
N PHE A 277 1.65 3.65 4.79
CA PHE A 277 2.64 3.63 5.86
C PHE A 277 2.19 4.38 7.11
N GLY A 278 1.07 5.09 7.05
CA GLY A 278 0.62 5.87 8.18
C GLY A 278 1.28 7.22 8.32
N CYS A 279 2.02 7.66 7.30
CA CYS A 279 2.55 9.02 7.29
C CYS A 279 1.42 10.03 7.24
N LEU A 280 0.28 9.64 6.68
CA LEU A 280 -0.91 10.45 6.62
C LEU A 280 -2.04 9.69 7.31
N SER A 281 -2.75 10.37 8.22
CA SER A 281 -3.92 9.85 8.89
C SER A 281 -5.11 9.76 7.93
N CYS A 282 -5.74 8.59 7.86
CA CYS A 282 -6.92 8.47 7.03
C CYS A 282 -8.08 9.27 7.60
N ARG A 283 -8.16 9.41 8.92
CA ARG A 283 -9.23 10.22 9.51
C ARG A 283 -9.05 11.70 9.19
N LEU A 284 -7.81 12.20 9.23
CA LEU A 284 -7.54 13.57 8.81
C LEU A 284 -7.95 13.77 7.36
N PHE A 285 -7.52 12.87 6.48
CA PHE A 285 -7.91 12.93 5.07
C PHE A 285 -9.42 12.94 4.92
N TYR A 286 -10.09 11.99 5.56
CA TYR A 286 -11.55 11.88 5.49
C TYR A 286 -12.22 13.21 5.85
N TYR A 287 -11.85 13.81 6.97
CA TYR A 287 -12.58 14.99 7.42
C TYR A 287 -12.16 16.25 6.69
N ARG A 288 -10.90 16.33 6.24
CA ARG A 288 -10.51 17.46 5.40
C ARG A 288 -11.20 17.39 4.05
N LEU A 289 -11.39 16.18 3.52
CA LEU A 289 -12.15 16.03 2.29
C LEU A 289 -13.60 16.41 2.49
N TRP A 290 -14.20 15.99 3.60
CA TRP A 290 -15.54 16.40 3.92
C TRP A 290 -15.65 17.92 4.02
N ASP A 291 -14.67 18.55 4.67
CA ASP A 291 -14.66 20.01 4.79
C ASP A 291 -14.64 20.69 3.43
N LEU A 292 -13.79 20.20 2.52
CA LEU A 292 -13.70 20.80 1.20
C LEU A 292 -15.02 20.61 0.43
N TYR A 293 -15.63 19.42 0.54
CA TYR A 293 -16.93 19.21 -0.06
C TYR A 293 -17.94 20.24 0.43
N LYS A 294 -17.99 20.47 1.75
CA LYS A 294 -18.93 21.44 2.31
C LYS A 294 -18.69 22.83 1.72
N LYS A 295 -17.42 23.23 1.59
CA LYS A 295 -17.14 24.56 1.06
C LYS A 295 -17.56 24.68 -0.39
N VAL A 296 -17.41 23.61 -1.16
CA VAL A 296 -17.62 23.68 -2.61
C VAL A 296 -19.09 23.48 -2.95
N LYS A 297 -19.75 22.53 -2.29
CA LYS A 297 -21.12 22.17 -2.63
C LYS A 297 -22.14 22.67 -1.63
N ARG A 298 -21.71 23.38 -0.59
CA ARG A 298 -22.60 23.96 0.41
C ARG A 298 -23.60 22.95 0.97
N THR A 301 -23.89 17.21 3.53
CA THR A 301 -23.89 15.75 3.61
C THR A 301 -23.48 15.13 2.26
N PRO A 302 -22.20 14.79 2.14
CA PRO A 302 -21.70 14.24 0.87
C PRO A 302 -22.15 12.81 0.67
N PRO A 303 -22.10 12.30 -0.55
CA PRO A 303 -22.38 10.88 -0.77
C PRO A 303 -21.18 10.03 -0.37
N LEU A 304 -21.44 8.75 -0.11
CA LEU A 304 -20.37 7.84 0.27
C LEU A 304 -19.28 7.78 -0.79
N SER A 305 -19.65 7.95 -2.06
CA SER A 305 -18.67 7.83 -3.15
C SER A 305 -17.54 8.84 -3.02
N LEU A 306 -17.78 9.98 -2.38
CA LEU A 306 -16.70 10.93 -2.13
C LEU A 306 -15.52 10.25 -1.42
N PHE A 307 -15.82 9.31 -0.53
CA PHE A 307 -14.80 8.66 0.28
C PHE A 307 -14.39 7.30 -0.28
N GLY A 308 -14.73 7.02 -1.53
CA GLY A 308 -14.57 5.67 -2.07
C GLY A 308 -13.18 5.12 -1.93
N GLN A 309 -12.16 5.96 -2.15
CA GLN A 309 -10.78 5.50 -2.01
C GLN A 309 -10.53 4.94 -0.61
N LEU A 310 -10.95 5.68 0.40
CA LEU A 310 -10.77 5.20 1.76
C LEU A 310 -11.71 4.06 2.10
N LEU A 311 -12.93 4.06 1.54
CA LEU A 311 -13.90 3.04 1.95
C LEU A 311 -13.54 1.69 1.34
N TRP A 312 -13.03 1.66 0.11
CA TRP A 312 -12.58 0.39 -0.45
C TRP A 312 -11.41 -0.16 0.34
N ARG A 313 -10.52 0.73 0.78
CA ARG A 313 -9.42 0.32 1.65
C ARG A 313 -9.96 -0.30 2.93
N GLU A 314 -10.93 0.37 3.56
CA GLU A 314 -11.53 -0.16 4.77
C GLU A 314 -12.22 -1.50 4.52
N PHE A 315 -12.87 -1.64 3.36
CA PHE A 315 -13.53 -2.90 3.02
C PHE A 315 -12.55 -4.06 3.02
N PHE A 316 -11.39 -3.89 2.39
CA PHE A 316 -10.42 -4.98 2.35
C PHE A 316 -9.80 -5.23 3.73
N TYR A 317 -9.56 -4.18 4.51
CA TYR A 317 -9.08 -4.37 5.86
C TYR A 317 -10.07 -5.20 6.68
N THR A 318 -11.36 -4.90 6.53
CA THR A 318 -12.36 -5.63 7.29
C THR A 318 -12.38 -7.10 6.90
N ALA A 319 -12.21 -7.38 5.59
CA ALA A 319 -12.25 -8.76 5.15
C ALA A 319 -11.02 -9.52 5.61
N ALA A 320 -9.87 -8.83 5.71
CA ALA A 320 -8.63 -9.50 6.03
C ALA A 320 -8.47 -9.82 7.50
N THR A 321 -9.07 -9.04 8.39
CA THR A 321 -8.57 -9.02 9.76
C THR A 321 -8.72 -10.37 10.47
N ASN A 322 -9.76 -11.14 10.13
CA ASN A 322 -9.97 -12.44 10.79
C ASN A 322 -9.60 -13.62 9.90
N ASN A 323 -8.77 -13.40 8.88
CA ASN A 323 -8.48 -14.44 7.88
C ASN A 323 -6.98 -14.58 7.74
N PRO A 324 -6.35 -15.47 8.52
CA PRO A 324 -4.90 -15.64 8.41
C PRO A 324 -4.44 -16.16 7.07
N ARG A 325 -5.33 -16.76 6.26
CA ARG A 325 -4.98 -17.24 4.93
C ARG A 325 -5.46 -16.28 3.84
N PHE A 326 -5.69 -15.01 4.18
CA PHE A 326 -6.27 -14.04 3.25
C PHE A 326 -5.46 -13.92 1.97
N ASP A 327 -4.13 -14.04 2.07
CA ASP A 327 -3.27 -13.86 0.91
C ASP A 327 -2.91 -15.18 0.25
N ARG A 328 -3.67 -16.23 0.52
CA ARG A 328 -3.45 -17.53 -0.10
C ARG A 328 -4.75 -18.04 -0.71
N MET A 329 -4.62 -18.97 -1.65
CA MET A 329 -5.81 -19.60 -2.21
C MET A 329 -6.27 -20.77 -1.33
N GLU A 330 -5.46 -21.80 -1.22
CA GLU A 330 -5.82 -22.99 -0.46
C GLU A 330 -6.00 -22.64 1.01
N GLY A 331 -7.06 -23.18 1.61
CA GLY A 331 -7.36 -22.91 3.00
C GLY A 331 -7.92 -21.52 3.26
N ASN A 332 -8.18 -20.73 2.23
CA ASN A 332 -8.78 -19.42 2.40
C ASN A 332 -10.28 -19.58 2.25
N PRO A 333 -11.08 -19.38 3.30
CA PRO A 333 -12.50 -19.70 3.23
C PRO A 333 -13.31 -18.80 2.31
N ILE A 334 -12.80 -17.64 1.89
CA ILE A 334 -13.56 -16.77 1.01
C ILE A 334 -13.13 -16.87 -0.44
N CYS A 335 -12.13 -17.71 -0.73
CA CYS A 335 -11.50 -17.74 -2.05
C CYS A 335 -11.90 -19.02 -2.79
N ILE A 336 -12.43 -18.85 -3.99
CA ILE A 336 -12.72 -20.02 -4.84
C ILE A 336 -11.43 -20.72 -5.20
N GLN A 337 -11.44 -22.04 -5.18
CA GLN A 337 -10.26 -22.83 -5.54
C GLN A 337 -10.23 -22.98 -7.07
N ILE A 338 -9.22 -22.39 -7.69
CA ILE A 338 -9.11 -22.33 -9.15
C ILE A 338 -7.83 -23.03 -9.54
N PRO A 339 -7.86 -23.94 -10.54
CA PRO A 339 -6.64 -24.64 -10.99
C PRO A 339 -5.77 -23.76 -11.88
N TRP A 340 -5.07 -22.84 -11.22
CA TRP A 340 -4.13 -21.97 -11.92
C TRP A 340 -2.97 -22.77 -12.49
N ASP A 341 -2.39 -22.27 -13.57
CA ASP A 341 -1.24 -22.91 -14.17
C ASP A 341 0.00 -22.69 -13.30
N ARG A 342 0.84 -23.72 -13.20
CA ARG A 342 2.21 -23.55 -12.72
C ARG A 342 3.06 -23.17 -13.92
N ASN A 343 3.45 -21.90 -14.01
CA ASN A 343 4.12 -21.37 -15.20
C ASN A 343 5.12 -20.31 -14.76
N PRO A 344 6.24 -20.72 -14.16
CA PRO A 344 7.21 -19.73 -13.66
C PRO A 344 7.81 -18.86 -14.76
N GLU A 345 8.00 -19.39 -15.97
CA GLU A 345 8.54 -18.59 -17.05
C GLU A 345 7.61 -17.44 -17.41
N ALA A 346 6.31 -17.72 -17.51
CA ALA A 346 5.36 -16.65 -17.80
C ALA A 346 5.31 -15.63 -16.68
N LEU A 347 5.29 -16.10 -15.43
CA LEU A 347 5.27 -15.18 -14.30
C LEU A 347 6.50 -14.27 -14.31
N ALA A 348 7.67 -14.85 -14.59
CA ALA A 348 8.89 -14.04 -14.60
C ALA A 348 8.86 -13.01 -15.72
N LYS A 349 8.35 -13.39 -16.89
CA LYS A 349 8.21 -12.43 -17.97
C LYS A 349 7.24 -11.32 -17.57
N TRP A 350 6.12 -11.69 -16.97
CA TRP A 350 5.18 -10.68 -16.50
C TRP A 350 5.84 -9.74 -15.49
N ALA A 351 6.57 -10.31 -14.53
CA ALA A 351 7.16 -9.50 -13.46
C ALA A 351 8.23 -8.54 -13.98
N GLU A 352 8.97 -8.93 -15.02
CA GLU A 352 10.06 -8.12 -15.53
C GLU A 352 9.66 -7.27 -16.73
N GLY A 353 8.39 -7.27 -17.10
CA GLY A 353 7.97 -6.48 -18.24
C GLY A 353 8.52 -7.01 -19.55
N LYS A 354 8.47 -8.33 -19.75
CA LYS A 354 8.92 -8.97 -20.98
C LYS A 354 7.81 -9.79 -21.62
N THR A 355 6.57 -9.32 -21.48
CA THR A 355 5.45 -10.04 -22.06
C THR A 355 5.31 -9.79 -23.55
N GLY A 356 5.94 -8.73 -24.06
CA GLY A 356 5.77 -8.39 -25.46
C GLY A 356 4.54 -7.56 -25.76
N PHE A 357 3.75 -7.23 -24.72
CA PHE A 357 2.66 -6.28 -24.85
C PHE A 357 3.15 -4.97 -24.25
N PRO A 358 3.46 -3.95 -25.05
CA PRO A 358 4.09 -2.75 -24.49
C PRO A 358 3.30 -2.08 -23.39
N TRP A 359 1.96 -2.10 -23.46
CA TRP A 359 1.16 -1.55 -22.38
C TRP A 359 1.46 -2.26 -21.06
N ILE A 360 1.39 -3.60 -21.07
CA ILE A 360 1.68 -4.37 -19.87
C ILE A 360 3.11 -4.13 -19.41
N ASP A 361 4.06 -4.16 -20.35
CA ASP A 361 5.46 -4.05 -20.01
C ASP A 361 5.79 -2.66 -19.48
N ALA A 362 5.19 -1.61 -20.05
CA ALA A 362 5.46 -0.26 -19.57
C ALA A 362 4.91 -0.06 -18.16
N ILE A 363 3.72 -0.60 -17.89
CA ILE A 363 3.18 -0.51 -16.54
C ILE A 363 4.08 -1.24 -15.55
N MET A 364 4.48 -2.46 -15.89
CA MET A 364 5.32 -3.21 -14.96
C MET A 364 6.68 -2.54 -14.80
N THR A 365 7.14 -1.82 -15.83
CA THR A 365 8.40 -1.10 -15.71
C THR A 365 8.24 0.13 -14.81
N GLN A 366 7.17 0.90 -15.02
CA GLN A 366 6.90 2.01 -14.11
C GLN A 366 6.78 1.52 -12.67
N LEU A 367 6.08 0.40 -12.45
CA LEU A 367 5.93 -0.13 -11.09
C LEU A 367 7.29 -0.43 -10.47
N ARG A 368 8.18 -1.09 -11.22
CA ARG A 368 9.49 -1.45 -10.67
C ARG A 368 10.35 -0.21 -10.45
N GLN A 369 10.31 0.75 -11.38
CA GLN A 369 11.19 1.91 -11.29
C GLN A 369 10.76 2.88 -10.19
N GLU A 370 9.45 3.05 -10.00
CA GLU A 370 8.95 4.12 -9.15
C GLU A 370 8.13 3.67 -7.95
N GLY A 371 7.46 2.53 -8.02
CA GLY A 371 6.72 2.03 -6.87
C GLY A 371 5.25 2.41 -6.81
N TRP A 372 4.73 3.10 -7.81
CA TRP A 372 3.30 3.34 -7.88
C TRP A 372 2.85 3.27 -9.33
N ILE A 373 1.69 2.66 -9.55
CA ILE A 373 1.00 2.66 -10.84
C ILE A 373 -0.47 2.94 -10.58
N HIS A 374 -1.12 3.55 -11.57
CA HIS A 374 -2.55 3.86 -11.46
C HIS A 374 -3.38 2.62 -11.17
N HIS A 375 -4.51 2.82 -10.47
CA HIS A 375 -5.41 1.68 -10.19
C HIS A 375 -5.85 0.96 -11.46
N LEU A 376 -6.14 1.70 -12.53
CA LEU A 376 -6.57 1.02 -13.73
C LEU A 376 -5.41 0.30 -14.41
N ALA A 377 -4.18 0.79 -14.23
CA ALA A 377 -3.01 0.03 -14.69
C ALA A 377 -2.81 -1.23 -13.87
N ARG A 378 -3.19 -1.21 -12.58
CA ARG A 378 -3.15 -2.44 -11.80
C ARG A 378 -4.18 -3.44 -12.29
N HIS A 379 -5.38 -2.96 -12.65
CA HIS A 379 -6.36 -3.84 -13.29
C HIS A 379 -5.77 -4.50 -14.53
N ALA A 380 -5.09 -3.72 -15.37
CA ALA A 380 -4.56 -4.24 -16.62
C ALA A 380 -3.51 -5.33 -16.38
N VAL A 381 -2.54 -5.09 -15.51
CA VAL A 381 -1.48 -6.09 -15.38
C VAL A 381 -1.96 -7.29 -14.60
N ALA A 382 -2.86 -7.09 -13.65
CA ALA A 382 -3.36 -8.22 -12.87
C ALA A 382 -4.26 -9.10 -13.70
N CYS A 383 -5.04 -8.48 -14.57
CA CYS A 383 -5.83 -9.23 -15.55
C CYS A 383 -4.94 -10.07 -16.44
N PHE A 384 -3.87 -9.47 -16.95
CA PHE A 384 -2.97 -10.20 -17.83
C PHE A 384 -2.35 -11.40 -17.11
N LEU A 385 -1.99 -11.24 -15.83
CA LEU A 385 -1.33 -12.34 -15.14
C LEU A 385 -2.30 -13.48 -14.85
N THR A 386 -3.55 -13.15 -14.51
CA THR A 386 -4.43 -14.13 -13.90
C THR A 386 -5.47 -14.52 -14.93
N ARG A 387 -6.71 -14.04 -14.83
CA ARG A 387 -7.79 -14.62 -15.60
C ARG A 387 -7.86 -14.10 -17.02
N GLY A 388 -7.13 -13.05 -17.34
CA GLY A 388 -7.19 -12.48 -18.67
C GLY A 388 -6.30 -13.24 -19.64
N ASP A 389 -5.07 -13.56 -19.24
CA ASP A 389 -4.14 -14.16 -20.20
C ASP A 389 -3.37 -15.35 -19.64
N LEU A 390 -2.45 -15.12 -18.70
CA LEU A 390 -1.49 -16.17 -18.36
C LEU A 390 -2.04 -17.25 -17.43
N TRP A 391 -3.17 -17.02 -16.76
CA TRP A 391 -3.76 -18.04 -15.89
C TRP A 391 -2.77 -18.49 -14.80
N VAL A 392 -2.00 -17.54 -14.30
CA VAL A 392 -1.15 -17.73 -13.14
C VAL A 392 -1.90 -17.28 -11.90
N SER A 393 -1.64 -17.93 -10.77
CA SER A 393 -2.36 -17.59 -9.54
C SER A 393 -2.18 -16.14 -9.16
N TRP A 394 -3.26 -15.52 -8.69
CA TRP A 394 -3.19 -14.17 -8.16
C TRP A 394 -2.23 -14.08 -6.97
N GLU A 395 -1.94 -15.19 -6.32
CA GLU A 395 -0.99 -15.17 -5.21
C GLU A 395 0.38 -14.69 -5.65
N SER A 396 0.82 -15.07 -6.85
CA SER A 396 2.12 -14.63 -7.32
C SER A 396 2.11 -13.16 -7.67
N GLY A 397 0.98 -12.66 -8.16
CA GLY A 397 0.88 -11.22 -8.37
C GLY A 397 0.94 -10.46 -7.07
N VAL A 398 0.28 -10.98 -6.02
CA VAL A 398 0.37 -10.38 -4.70
C VAL A 398 1.83 -10.23 -4.29
N ARG A 399 2.61 -11.30 -4.43
CA ARG A 399 4.00 -11.28 -3.99
C ARG A 399 4.79 -10.21 -4.73
N VAL A 400 4.60 -10.08 -6.05
CA VAL A 400 5.35 -9.09 -6.82
C VAL A 400 4.93 -7.68 -6.41
N PHE A 401 3.63 -7.45 -6.22
CA PHE A 401 3.19 -6.14 -5.75
C PHE A 401 3.73 -5.86 -4.34
N ASP A 402 3.79 -6.87 -3.48
CA ASP A 402 4.37 -6.67 -2.15
C ASP A 402 5.82 -6.22 -2.25
N GLU A 403 6.55 -6.75 -3.24
CA GLU A 403 7.95 -6.35 -3.40
C GLU A 403 8.07 -4.91 -3.86
N LEU A 404 7.18 -4.48 -4.76
CA LEU A 404 7.43 -3.26 -5.54
C LEU A 404 6.47 -2.11 -5.28
N LEU A 405 5.25 -2.36 -4.79
CA LEU A 405 4.23 -1.32 -4.77
C LEU A 405 4.20 -0.62 -3.42
N LEU A 406 4.32 0.70 -3.45
CA LEU A 406 4.43 1.48 -2.23
C LEU A 406 3.17 1.43 -1.37
N ASP A 407 2.00 1.22 -1.97
CA ASP A 407 0.79 1.27 -1.16
C ASP A 407 0.19 -0.11 -0.94
N ALA A 408 0.98 -1.16 -1.12
CA ALA A 408 0.51 -2.52 -0.89
C ALA A 408 0.70 -2.91 0.57
N ASP A 409 -0.31 -3.58 1.12
CA ASP A 409 -0.17 -4.26 2.39
C ASP A 409 -1.00 -5.53 2.33
N PHE A 410 -0.85 -6.36 3.35
CA PHE A 410 -1.54 -7.64 3.42
C PHE A 410 -2.99 -7.53 2.99
N SER A 411 -3.72 -6.54 3.53
CA SER A 411 -5.16 -6.48 3.33
C SER A 411 -5.54 -6.01 1.94
N VAL A 412 -5.04 -4.84 1.53
CA VAL A 412 -5.51 -4.27 0.28
C VAL A 412 -4.90 -5.00 -0.92
N ASN A 413 -3.71 -5.57 -0.76
CA ASN A 413 -3.06 -6.22 -1.90
C ASN A 413 -3.76 -7.52 -2.25
N ALA A 414 -3.76 -8.48 -1.32
CA ALA A 414 -4.48 -9.73 -1.54
C ALA A 414 -5.95 -9.48 -1.83
N GLY A 415 -6.58 -8.55 -1.09
CA GLY A 415 -8.00 -8.30 -1.30
C GLY A 415 -8.30 -7.86 -2.72
N SER A 416 -7.49 -6.94 -3.23
CA SER A 416 -7.71 -6.43 -4.58
C SER A 416 -7.45 -7.49 -5.62
N TRP A 417 -6.42 -8.31 -5.40
CA TRP A 417 -6.09 -9.36 -6.37
C TRP A 417 -7.19 -10.41 -6.44
N MET A 418 -7.75 -10.78 -5.28
CA MET A 418 -8.85 -11.74 -5.28
C MET A 418 -10.06 -11.17 -5.99
N TRP A 419 -10.41 -9.92 -5.67
CA TRP A 419 -11.51 -9.25 -6.35
C TRP A 419 -11.30 -9.21 -7.86
N LEU A 420 -10.13 -8.72 -8.28
CA LEU A 420 -9.87 -8.55 -9.70
C LEU A 420 -9.93 -9.88 -10.45
N SER A 421 -9.35 -10.93 -9.86
CA SER A 421 -9.24 -12.22 -10.53
C SER A 421 -10.51 -13.04 -10.41
N CYS A 422 -11.58 -12.48 -9.84
CA CYS A 422 -12.84 -13.17 -9.59
C CYS A 422 -12.63 -14.39 -8.70
N SER A 423 -11.68 -14.30 -7.78
CA SER A 423 -11.43 -15.37 -6.83
C SER A 423 -12.21 -15.19 -5.54
N ALA A 424 -12.61 -13.96 -5.21
CA ALA A 424 -13.37 -13.70 -4.00
C ALA A 424 -14.22 -12.47 -4.24
N PHE A 425 -15.24 -12.30 -3.40
CA PHE A 425 -16.18 -11.20 -3.47
C PHE A 425 -17.01 -11.23 -4.75
N PHE A 426 -17.11 -12.39 -5.39
CA PHE A 426 -17.70 -12.44 -6.72
C PHE A 426 -19.22 -12.38 -6.63
N GLN A 427 -19.82 -11.40 -7.30
CA GLN A 427 -21.26 -11.42 -7.58
C GLN A 427 -21.57 -11.42 -9.06
N GLN A 428 -20.81 -10.67 -9.85
CA GLN A 428 -20.93 -10.62 -11.31
C GLN A 428 -19.56 -10.61 -11.94
N PHE A 429 -19.49 -11.14 -13.15
CA PHE A 429 -18.27 -11.07 -13.94
C PHE A 429 -18.12 -9.67 -14.54
N PHE A 430 -16.89 -9.20 -14.60
CA PHE A 430 -16.59 -8.00 -15.37
C PHE A 430 -15.37 -8.28 -16.23
N HIS A 431 -15.32 -7.63 -17.38
CA HIS A 431 -14.31 -7.92 -18.37
C HIS A 431 -12.96 -7.38 -17.96
N CYS A 432 -11.92 -8.10 -18.35
CA CYS A 432 -10.56 -7.59 -18.32
C CYS A 432 -10.33 -6.69 -19.52
N TYR A 433 -9.58 -5.60 -19.31
CA TYR A 433 -9.26 -4.71 -20.41
C TYR A 433 -8.36 -5.42 -21.42
N CYS A 434 -8.40 -4.93 -22.66
CA CYS A 434 -7.52 -5.46 -23.68
C CYS A 434 -6.10 -4.95 -23.43
N PRO A 435 -5.09 -5.83 -23.41
CA PRO A 435 -3.73 -5.37 -23.16
C PRO A 435 -3.13 -4.55 -24.29
N VAL A 436 -3.85 -4.40 -25.42
CA VAL A 436 -3.46 -3.46 -26.47
C VAL A 436 -4.41 -2.26 -26.42
N GLY A 437 -5.71 -2.53 -26.56
CA GLY A 437 -6.66 -1.45 -26.79
C GLY A 437 -6.76 -0.48 -25.63
N PHE A 438 -6.70 -0.98 -24.40
CA PHE A 438 -6.84 -0.12 -23.23
C PHE A 438 -5.70 0.89 -23.15
N GLY A 439 -4.48 0.46 -23.45
CA GLY A 439 -3.37 1.40 -23.49
C GLY A 439 -3.54 2.42 -24.60
N ARG A 440 -3.90 1.95 -25.79
CA ARG A 440 -4.15 2.86 -26.91
C ARG A 440 -5.17 3.92 -26.55
N ARG A 441 -6.26 3.53 -25.87
CA ARG A 441 -7.29 4.51 -25.52
C ARG A 441 -6.81 5.46 -24.44
N THR A 442 -6.08 4.94 -23.46
CA THR A 442 -5.66 5.79 -22.34
C THR A 442 -4.61 6.80 -22.77
N ASP A 443 -3.67 6.40 -23.62
CA ASP A 443 -2.66 7.32 -24.15
C ASP A 443 -2.49 7.07 -25.64
N PRO A 444 -3.35 7.67 -26.47
CA PRO A 444 -3.19 7.54 -27.93
C PRO A 444 -1.85 8.03 -28.46
N SER A 445 -1.19 8.93 -27.74
CA SER A 445 0.11 9.43 -28.18
C SER A 445 1.18 8.35 -28.18
N GLY A 446 1.04 7.33 -27.31
CA GLY A 446 2.09 6.37 -27.07
C GLY A 446 3.25 6.85 -26.22
N ASP A 447 3.22 8.09 -25.73
CA ASP A 447 4.38 8.61 -25.02
C ASP A 447 4.57 7.92 -23.67
N TYR A 448 3.50 7.41 -23.05
CA TYR A 448 3.71 6.59 -21.86
C TYR A 448 4.59 5.39 -22.18
N ILE A 449 4.34 4.74 -23.32
CA ILE A 449 5.19 3.64 -23.76
C ILE A 449 6.61 4.13 -24.00
N ARG A 450 6.75 5.23 -24.73
CA ARG A 450 8.09 5.74 -25.06
C ARG A 450 8.87 6.08 -23.81
N ARG A 451 8.18 6.56 -22.77
CA ARG A 451 8.85 6.94 -21.53
C ARG A 451 9.42 5.74 -20.81
N TYR A 452 8.63 4.67 -20.64
CA TYR A 452 9.09 3.54 -19.85
C TYR A 452 9.75 2.45 -20.67
N LEU A 453 9.50 2.39 -21.98
CA LEU A 453 10.12 1.42 -22.87
C LEU A 453 10.79 2.17 -24.02
N PRO A 454 11.89 2.88 -23.74
CA PRO A 454 12.50 3.71 -24.78
C PRO A 454 12.98 2.92 -25.99
N LYS A 455 13.25 1.63 -25.86
CA LYS A 455 13.54 0.78 -27.01
C LYS A 455 12.45 0.86 -28.07
N LEU A 456 11.23 1.16 -27.68
CA LEU A 456 10.12 1.23 -28.62
C LEU A 456 9.85 2.63 -29.13
N LYS A 457 10.70 3.61 -28.78
CA LYS A 457 10.31 5.01 -28.94
C LYS A 457 10.19 5.43 -30.39
N GLY A 458 10.83 4.71 -31.33
CA GLY A 458 10.72 5.07 -32.73
C GLY A 458 9.49 4.56 -33.45
N PHE A 459 8.67 3.74 -32.79
CA PHE A 459 7.46 3.27 -33.43
C PHE A 459 6.44 4.40 -33.50
N PRO A 460 5.78 4.58 -34.63
CA PRO A 460 4.66 5.52 -34.66
C PRO A 460 3.53 5.04 -33.76
N SER A 461 2.67 5.97 -33.40
CA SER A 461 1.63 5.66 -32.43
C SER A 461 0.67 4.59 -32.92
N ARG A 462 0.59 4.38 -34.24
CA ARG A 462 -0.30 3.36 -34.78
C ARG A 462 0.16 1.95 -34.41
N TYR A 463 1.46 1.75 -34.19
CA TYR A 463 1.96 0.41 -33.90
C TYR A 463 2.54 0.24 -32.52
N ILE A 464 2.75 1.32 -31.76
CA ILE A 464 3.58 1.22 -30.56
C ILE A 464 2.95 0.35 -29.47
N TYR A 465 1.62 0.20 -29.46
CA TYR A 465 0.97 -0.70 -28.52
C TYR A 465 0.88 -2.12 -29.05
N GLU A 466 1.13 -2.33 -30.34
CA GLU A 466 1.06 -3.64 -30.97
C GLU A 466 2.19 -3.77 -31.98
N PRO A 467 3.46 -3.66 -31.54
CA PRO A 467 4.56 -3.53 -32.50
C PRO A 467 4.81 -4.77 -33.32
N TRP A 468 4.33 -5.94 -32.89
CA TRP A 468 4.43 -7.13 -33.75
C TRP A 468 3.62 -6.95 -35.02
N ASN A 469 2.69 -6.01 -35.07
CA ASN A 469 1.92 -5.76 -36.28
C ASN A 469 2.56 -4.73 -37.20
N ALA A 470 3.68 -4.15 -36.80
CA ALA A 470 4.32 -3.17 -37.65
C ALA A 470 4.99 -3.88 -38.83
N PRO A 471 4.86 -3.35 -40.04
CA PRO A 471 5.59 -3.92 -41.18
C PRO A 471 7.08 -3.85 -40.94
N GLU A 472 7.81 -4.70 -41.67
CA GLU A 472 9.25 -4.78 -41.49
C GLU A 472 9.92 -3.44 -41.78
N SER A 473 9.39 -2.68 -42.75
CA SER A 473 9.91 -1.34 -43.00
C SER A 473 9.85 -0.48 -41.74
N VAL A 474 8.70 -0.48 -41.05
CA VAL A 474 8.54 0.37 -39.88
C VAL A 474 9.45 -0.09 -38.75
N GLN A 475 9.55 -1.40 -38.53
CA GLN A 475 10.43 -1.93 -37.49
C GLN A 475 11.88 -1.55 -37.76
N LYS A 476 12.30 -1.58 -39.02
CA LYS A 476 13.66 -1.19 -39.36
C LYS A 476 13.90 0.28 -39.05
N ALA A 477 12.96 1.16 -39.40
CA ALA A 477 13.12 2.59 -39.14
C ALA A 477 13.02 2.92 -37.66
N ALA A 478 12.24 2.16 -36.90
CA ALA A 478 12.20 2.29 -35.45
C ALA A 478 13.41 1.65 -34.78
N LYS A 479 14.28 1.01 -35.55
CA LYS A 479 15.47 0.34 -35.03
C LYS A 479 15.10 -0.62 -33.89
N CYS A 480 13.99 -1.33 -34.08
CA CYS A 480 13.56 -2.30 -33.08
C CYS A 480 12.88 -3.44 -33.82
N ILE A 481 13.57 -4.56 -33.93
CA ILE A 481 13.06 -5.72 -34.66
C ILE A 481 12.39 -6.63 -33.65
N ILE A 482 11.08 -6.83 -33.81
CA ILE A 482 10.32 -7.56 -32.80
C ILE A 482 10.71 -9.03 -32.86
N GLY A 483 10.92 -9.63 -31.69
CA GLY A 483 11.54 -10.92 -31.61
C GLY A 483 13.03 -10.88 -31.32
N VAL A 484 13.68 -9.73 -31.46
CA VAL A 484 15.12 -9.60 -31.21
C VAL A 484 15.42 -8.47 -30.23
N ASP A 485 15.05 -7.24 -30.60
CA ASP A 485 15.26 -6.13 -29.68
C ASP A 485 14.16 -6.02 -28.64
N TYR A 486 12.99 -6.59 -28.90
CA TYR A 486 11.86 -6.55 -27.96
C TYR A 486 11.04 -7.79 -28.27
N PRO A 487 10.57 -8.51 -27.26
CA PRO A 487 9.99 -9.84 -27.52
C PRO A 487 8.66 -9.76 -28.25
N ARG A 488 8.35 -10.86 -28.93
CA ARG A 488 7.02 -11.05 -29.47
C ARG A 488 6.02 -11.27 -28.33
N PRO A 489 4.74 -11.01 -28.57
CA PRO A 489 3.74 -11.20 -27.51
C PRO A 489 3.72 -12.66 -27.07
N ILE A 490 3.75 -12.87 -25.75
CA ILE A 490 3.92 -14.20 -25.20
C ILE A 490 2.69 -15.08 -25.38
N VAL A 491 1.51 -14.51 -25.63
CA VAL A 491 0.30 -15.25 -25.94
C VAL A 491 -0.43 -14.55 -27.07
N ASN A 492 -1.34 -15.29 -27.72
CA ASN A 492 -2.34 -14.68 -28.59
C ASN A 492 -3.50 -14.29 -27.69
N HIS A 493 -3.72 -12.98 -27.54
CA HIS A 493 -4.68 -12.52 -26.55
C HIS A 493 -6.10 -12.93 -26.91
N ALA A 494 -6.48 -12.82 -28.19
CA ALA A 494 -7.86 -13.09 -28.58
C ALA A 494 -8.24 -14.53 -28.24
N GLU A 495 -7.38 -15.48 -28.63
CA GLU A 495 -7.68 -16.89 -28.39
C GLU A 495 -7.60 -17.20 -26.90
N THR A 496 -6.58 -16.69 -26.23
CA THR A 496 -6.33 -17.06 -24.84
C THR A 496 -7.41 -16.49 -23.92
N SER A 497 -7.82 -15.25 -24.15
CA SER A 497 -8.76 -14.64 -23.22
C SER A 497 -10.15 -15.24 -23.36
N ARG A 498 -10.54 -15.64 -24.57
CA ARG A 498 -11.84 -16.30 -24.73
C ARG A 498 -11.84 -17.67 -24.07
N LEU A 499 -10.74 -18.40 -24.18
CA LEU A 499 -10.63 -19.68 -23.47
C LEU A 499 -10.69 -19.46 -21.96
N ASN A 500 -9.96 -18.46 -21.47
CA ASN A 500 -9.93 -18.18 -20.03
C ASN A 500 -11.31 -17.78 -19.52
N ILE A 501 -12.04 -16.99 -20.31
CA ILE A 501 -13.40 -16.63 -19.94
C ILE A 501 -14.26 -17.88 -19.85
N GLU A 502 -14.14 -18.77 -20.84
CA GLU A 502 -14.88 -20.02 -20.82
C GLU A 502 -14.53 -20.83 -19.58
N ARG A 503 -13.24 -20.87 -19.21
CA ARG A 503 -12.82 -21.66 -18.06
C ARG A 503 -13.39 -21.08 -16.77
N MET A 504 -13.35 -19.76 -16.61
CA MET A 504 -13.86 -19.15 -15.39
C MET A 504 -15.36 -19.33 -15.27
N LYS A 505 -16.08 -19.13 -16.37
CA LYS A 505 -17.52 -19.31 -16.36
C LYS A 505 -17.88 -20.71 -15.86
N GLN A 506 -17.16 -21.72 -16.34
CA GLN A 506 -17.44 -23.10 -15.94
C GLN A 506 -17.14 -23.31 -14.46
N ILE A 507 -16.05 -22.73 -13.98
CA ILE A 507 -15.69 -22.84 -12.56
C ILE A 507 -16.83 -22.34 -11.67
N TYR A 508 -17.42 -21.20 -12.03
CA TYR A 508 -18.49 -20.64 -11.21
C TYR A 508 -19.82 -21.34 -11.45
N GLN A 509 -20.17 -21.60 -12.70
CA GLN A 509 -21.45 -22.26 -12.95
C GLN A 509 -21.47 -23.67 -12.38
N GLN A 510 -20.31 -24.34 -12.32
CA GLN A 510 -20.26 -25.70 -11.78
C GLN A 510 -20.59 -25.75 -10.29
N LEU A 511 -20.43 -24.63 -9.58
CA LEU A 511 -20.62 -24.63 -8.12
C LEU A 511 -22.04 -25.08 -7.72
N SER A 512 -23.01 -24.88 -8.61
CA SER A 512 -24.40 -25.26 -8.34
C SER A 512 -24.52 -26.74 -8.01
C10 5YH B . -6.64 -0.85 -6.60
C13 5YH B . -6.50 -3.47 -8.43
C15 5YH B . -5.30 -5.54 -8.56
C17 5YH B . -4.54 -5.27 -7.46
C20 5YH B . -4.76 -2.17 -5.42
C21 5YH B . -4.40 -1.33 -4.33
C22 5YH B . -3.38 -1.73 -3.45
C24 5YH B . -3.09 -3.84 -4.73
C02 5YH B . -8.10 -1.31 -6.16
C03 5YH B . -9.17 -0.18 -6.31
C05 5YH B . -11.27 -1.47 -5.60
C06 5YH B . -12.58 -1.90 -6.33
C08 5YH B . -11.20 -0.71 -7.81
C12 5YH B . -5.72 -3.14 -7.27
C14 5YH B . -6.30 -4.70 -9.10
C18 5YH B . -4.73 -4.04 -6.79
C19 5YH B . -4.12 -3.43 -5.61
C23 5YH B . -2.79 -2.97 -3.70
F16 5YH B . -5.09 -6.78 -9.15
F25 5YH B . -1.78 -3.36 -2.83
N04 5YH B . -10.48 -0.75 -6.59
N07 5YH B . -12.45 -1.38 -7.69
N11 5YH B . -5.72 -2.02 -6.44
O01 5YH B . -8.07 -1.63 -4.77
O09 5YH B . -10.82 -0.17 -8.84
#